data_7B7O
#
_entry.id   7B7O
#
_entity_poly.entity_id   1
_entity_poly.type   'polypeptide(L)'
_entity_poly.pdbx_seq_one_letter_code
;ALFGLGVPELAVIAGVAALLFGPKKLPEIGKSIGKTVKSFQQAAKEFESELKT
;
_entity_poly.pdbx_strand_id   A
#
# COMPACT_ATOMS: atom_id res chain seq x y z
N ALA A 1 -31.86 3.16 -3.44
CA ALA A 1 -31.50 1.75 -3.34
C ALA A 1 -30.68 1.47 -2.08
N LEU A 2 -31.02 2.16 -1.00
CA LEU A 2 -30.32 1.98 0.26
C LEU A 2 -30.95 0.88 1.10
N PHE A 3 -30.23 -0.22 1.28
CA PHE A 3 -30.73 -1.35 2.05
C PHE A 3 -29.72 -1.76 3.13
N GLY A 4 -28.91 -0.81 3.56
CA GLY A 4 -27.90 -1.09 4.57
C GLY A 4 -26.76 -1.91 4.05
N LEU A 5 -26.55 -1.88 2.73
CA LEU A 5 -25.48 -2.63 2.11
C LEU A 5 -24.37 -1.71 1.63
N GLY A 6 -23.12 -2.11 1.89
CA GLY A 6 -21.98 -1.31 1.48
C GLY A 6 -20.87 -1.32 2.51
N VAL A 7 -21.20 -1.69 3.75
CA VAL A 7 -20.23 -1.75 4.82
C VAL A 7 -19.03 -2.61 4.43
N PRO A 8 -19.31 -3.88 4.09
CA PRO A 8 -18.28 -4.84 3.69
C PRO A 8 -17.66 -4.50 2.33
N GLU A 9 -18.36 -3.66 1.57
CA GLU A 9 -17.89 -3.27 0.24
C GLU A 9 -16.79 -2.21 0.35
N LEU A 10 -16.83 -1.43 1.43
CA LEU A 10 -15.84 -0.39 1.66
C LEU A 10 -14.54 -0.98 2.20
N ALA A 11 -14.65 -2.12 2.87
CA ALA A 11 -13.48 -2.79 3.43
C ALA A 11 -12.57 -3.31 2.33
N VAL A 12 -13.15 -3.60 1.17
CA VAL A 12 -12.39 -4.11 0.03
C VAL A 12 -11.64 -2.99 -0.68
N ILE A 13 -12.40 -2.01 -1.20
CA ILE A 13 -11.80 -0.89 -1.90
C ILE A 13 -10.77 -0.16 -1.02
N ALA A 14 -10.95 -0.28 0.29
CA ALA A 14 -10.05 0.36 1.24
C ALA A 14 -8.60 -0.08 0.99
N GLY A 15 -8.37 -1.38 1.03
CA GLY A 15 -7.02 -1.89 0.81
C GLY A 15 -6.60 -1.82 -0.65
N VAL A 16 -7.55 -2.05 -1.54
CA VAL A 16 -7.28 -2.01 -2.98
C VAL A 16 -6.63 -0.68 -3.38
N ALA A 17 -7.04 0.39 -2.70
CA ALA A 17 -6.49 1.71 -2.98
C ALA A 17 -5.25 1.99 -2.15
N ALA A 18 -5.14 1.31 -1.01
CA ALA A 18 -3.99 1.47 -0.13
C ALA A 18 -2.73 0.87 -0.74
N LEU A 19 -2.92 -0.08 -1.64
CA LEU A 19 -1.80 -0.74 -2.30
C LEU A 19 -1.07 0.24 -3.22
N LEU A 20 -1.82 1.06 -3.92
CA LEU A 20 -1.25 2.04 -4.83
C LEU A 20 -1.01 3.37 -4.13
N PHE A 21 -1.89 3.70 -3.19
CA PHE A 21 -1.78 4.95 -2.44
C PHE A 21 -0.66 4.85 -1.40
N GLY A 22 -0.36 3.64 -0.98
CA GLY A 22 0.69 3.44 0.01
C GLY A 22 1.92 2.78 -0.57
N PRO A 23 2.68 2.07 0.27
CA PRO A 23 3.90 1.37 -0.15
C PRO A 23 3.61 0.17 -1.03
N LYS A 24 4.65 -0.59 -1.36
CA LYS A 24 4.49 -1.77 -2.20
C LYS A 24 4.02 -1.40 -3.60
N LYS A 25 4.03 -0.10 -3.89
CA LYS A 25 3.61 0.40 -5.20
C LYS A 25 4.76 0.40 -6.19
N LEU A 26 5.98 0.49 -5.66
CA LEU A 26 7.17 0.50 -6.51
C LEU A 26 7.09 1.60 -7.55
N PRO A 27 7.26 2.85 -7.11
CA PRO A 27 7.21 4.02 -8.00
C PRO A 27 8.41 4.08 -8.94
N GLU A 28 9.47 3.36 -8.59
CA GLU A 28 10.68 3.34 -9.40
C GLU A 28 10.37 2.93 -10.83
N ILE A 29 9.32 2.13 -11.00
CA ILE A 29 8.91 1.67 -12.33
C ILE A 29 8.31 2.81 -13.14
N GLY A 30 7.69 3.76 -12.44
CA GLY A 30 7.08 4.89 -13.12
C GLY A 30 8.10 5.90 -13.61
N LYS A 31 9.34 5.73 -13.19
CA LYS A 31 10.43 6.62 -13.58
C LYS A 31 11.05 6.16 -14.90
N SER A 32 11.38 4.88 -14.98
CA SER A 32 11.99 4.32 -16.17
C SER A 32 10.94 4.02 -17.24
N ILE A 33 9.88 3.32 -16.84
CA ILE A 33 8.81 2.96 -17.75
C ILE A 33 7.95 4.19 -18.08
N GLY A 34 7.98 5.19 -17.20
CA GLY A 34 7.21 6.40 -17.43
C GLY A 34 7.56 7.07 -18.74
N LYS A 35 8.73 6.77 -19.27
CA LYS A 35 9.18 7.36 -20.53
C LYS A 35 8.18 7.08 -21.64
N THR A 36 7.87 5.81 -21.86
CA THR A 36 6.92 5.41 -22.89
C THR A 36 5.49 5.69 -22.46
N VAL A 37 5.16 5.28 -21.24
CA VAL A 37 3.81 5.48 -20.71
C VAL A 37 3.39 6.95 -20.84
N LYS A 38 4.22 7.84 -20.32
CA LYS A 38 3.93 9.27 -20.38
C LYS A 38 4.04 9.80 -21.81
N SER A 39 4.92 9.17 -22.60
CA SER A 39 5.13 9.57 -23.98
C SER A 39 3.80 9.54 -24.76
N PHE A 40 3.04 8.48 -24.56
CA PHE A 40 1.76 8.32 -25.24
C PHE A 40 0.74 9.32 -24.70
N GLN A 41 0.76 9.53 -23.39
CA GLN A 41 -0.17 10.47 -22.76
C GLN A 41 -0.09 11.85 -23.41
N GLN A 42 1.12 12.24 -23.80
CA GLN A 42 1.33 13.53 -24.45
C GLN A 42 0.57 13.61 -25.76
N ALA A 43 0.40 12.48 -26.42
CA ALA A 43 -0.30 12.42 -27.69
C ALA A 43 -1.79 12.17 -27.49
N ALA A 44 -2.14 11.55 -26.36
CA ALA A 44 -3.53 11.26 -26.04
C ALA A 44 -4.39 12.50 -26.16
N LYS A 45 -3.81 13.66 -25.84
CA LYS A 45 -4.53 14.93 -25.91
C LYS A 45 -5.14 15.13 -27.29
N GLU A 46 -4.51 14.53 -28.30
CA GLU A 46 -5.00 14.64 -29.67
C GLU A 46 -5.99 13.53 -29.99
N PHE A 47 -5.86 12.42 -29.29
CA PHE A 47 -6.75 11.28 -29.50
C PHE A 47 -8.22 11.71 -29.42
N GLU A 48 -8.55 12.48 -28.39
CA GLU A 48 -9.92 12.95 -28.20
C GLU A 48 -10.39 13.73 -29.42
N SER A 49 -9.44 14.35 -30.14
CA SER A 49 -9.77 15.13 -31.31
C SER A 49 -9.95 14.23 -32.53
N GLU A 50 -9.29 13.08 -32.51
CA GLU A 50 -9.37 12.12 -33.61
C GLU A 50 -8.91 12.76 -34.91
N LEU A 51 -7.74 13.38 -34.89
CA LEU A 51 -7.18 14.03 -36.06
C LEU A 51 -5.82 13.45 -36.42
N LYS A 52 -5.05 13.10 -35.40
CA LYS A 52 -3.72 12.52 -35.61
C LYS A 52 -2.76 13.56 -36.15
N THR A 53 -2.90 13.88 -37.43
CA THR A 53 -2.03 14.86 -38.07
C THR A 53 -2.83 16.08 -38.53
N ALA A 1 -17.49 -10.73 -4.79
CA ALA A 1 -18.26 -11.13 -3.62
C ALA A 1 -19.50 -11.91 -4.02
N LEU A 2 -20.27 -11.37 -4.96
CA LEU A 2 -21.48 -12.02 -5.43
C LEU A 2 -22.47 -12.21 -4.28
N PHE A 3 -23.54 -12.95 -4.56
CA PHE A 3 -24.58 -13.20 -3.55
C PHE A 3 -25.24 -11.90 -3.11
N GLY A 4 -25.23 -10.92 -3.99
CA GLY A 4 -25.84 -9.63 -3.66
C GLY A 4 -25.34 -9.06 -2.35
N LEU A 5 -24.11 -9.41 -2.00
CA LEU A 5 -23.51 -8.93 -0.76
C LEU A 5 -22.37 -7.97 -1.04
N GLY A 6 -22.63 -6.68 -0.87
CA GLY A 6 -21.60 -5.67 -1.11
C GLY A 6 -21.00 -5.14 0.17
N VAL A 7 -21.15 -5.90 1.26
CA VAL A 7 -20.61 -5.50 2.55
C VAL A 7 -19.10 -5.34 2.50
N PRO A 8 -18.41 -6.43 2.12
CA PRO A 8 -16.95 -6.44 2.01
C PRO A 8 -16.45 -5.60 0.85
N GLU A 9 -17.34 -5.26 -0.08
CA GLU A 9 -16.98 -4.45 -1.22
C GLU A 9 -16.60 -3.04 -0.81
N LEU A 10 -17.13 -2.60 0.33
CA LEU A 10 -16.85 -1.26 0.85
C LEU A 10 -15.59 -1.27 1.71
N ALA A 11 -15.27 -2.43 2.28
CA ALA A 11 -14.09 -2.57 3.12
C ALA A 11 -12.86 -2.94 2.29
N VAL A 12 -13.11 -3.57 1.14
CA VAL A 12 -12.03 -3.98 0.25
C VAL A 12 -11.55 -2.81 -0.60
N ILE A 13 -12.45 -1.90 -0.91
CA ILE A 13 -12.12 -0.72 -1.73
C ILE A 13 -10.98 0.07 -1.10
N ALA A 14 -10.85 -0.04 0.22
CA ALA A 14 -9.80 0.67 0.95
C ALA A 14 -8.47 -0.04 0.82
N GLY A 15 -8.47 -1.35 1.05
CA GLY A 15 -7.25 -2.13 0.95
C GLY A 15 -6.72 -2.21 -0.46
N VAL A 16 -7.62 -2.45 -1.41
CA VAL A 16 -7.24 -2.56 -2.82
C VAL A 16 -6.51 -1.30 -3.28
N ALA A 17 -6.88 -0.16 -2.71
CA ALA A 17 -6.26 1.11 -3.06
C ALA A 17 -5.02 1.36 -2.22
N ALA A 18 -5.08 0.99 -0.94
CA ALA A 18 -3.97 1.17 -0.03
C ALA A 18 -2.71 0.50 -0.57
N LEU A 19 -2.89 -0.56 -1.34
CA LEU A 19 -1.76 -1.29 -1.92
C LEU A 19 -1.13 -0.49 -3.06
N LEU A 20 -1.95 0.18 -3.84
CA LEU A 20 -1.46 0.98 -4.96
C LEU A 20 -0.74 2.23 -4.46
N PHE A 21 -1.46 3.07 -3.72
CA PHE A 21 -0.89 4.30 -3.18
C PHE A 21 0.17 3.98 -2.12
N GLY A 22 -0.20 3.15 -1.15
CA GLY A 22 0.72 2.79 -0.10
C GLY A 22 1.32 4.00 0.60
N PRO A 23 0.52 4.65 1.46
CA PRO A 23 0.95 5.84 2.19
C PRO A 23 1.99 5.51 3.26
N LYS A 24 1.71 4.48 4.05
CA LYS A 24 2.62 4.06 5.11
C LYS A 24 2.12 2.80 5.81
N LYS A 25 2.37 1.65 5.18
CA LYS A 25 1.93 0.38 5.72
C LYS A 25 3.10 -0.35 6.39
N LEU A 26 4.31 -0.09 5.91
CA LEU A 26 5.50 -0.72 6.46
C LEU A 26 6.76 -0.20 5.75
N PRO A 27 7.08 1.08 5.98
CA PRO A 27 8.26 1.71 5.37
C PRO A 27 9.56 1.19 5.96
N GLU A 28 9.45 0.42 7.04
CA GLU A 28 10.63 -0.15 7.69
C GLU A 28 11.48 -0.92 6.69
N ILE A 29 10.83 -1.50 5.69
CA ILE A 29 11.53 -2.27 4.67
C ILE A 29 12.40 -1.37 3.80
N GLY A 30 11.97 -0.13 3.63
CA GLY A 30 12.72 0.82 2.82
C GLY A 30 14.11 1.05 3.35
N LYS A 31 14.31 0.76 4.64
CA LYS A 31 15.62 0.95 5.27
C LYS A 31 16.52 -0.25 5.03
N SER A 32 15.91 -1.42 4.87
CA SER A 32 16.66 -2.65 4.63
C SER A 32 16.94 -2.83 3.14
N ILE A 33 16.04 -2.33 2.30
CA ILE A 33 16.20 -2.43 0.86
C ILE A 33 16.85 -1.18 0.29
N GLY A 34 16.58 -0.03 0.91
CA GLY A 34 17.14 1.22 0.45
C GLY A 34 18.66 1.16 0.33
N LYS A 35 19.30 0.59 1.33
CA LYS A 35 20.76 0.46 1.33
C LYS A 35 21.25 -0.26 0.08
N THR A 36 20.40 -1.13 -0.46
CA THR A 36 20.74 -1.89 -1.66
C THR A 36 20.38 -1.11 -2.92
N VAL A 37 19.09 -0.84 -3.09
CA VAL A 37 18.62 -0.10 -4.26
C VAL A 37 19.39 1.19 -4.44
N LYS A 38 19.36 2.05 -3.42
CA LYS A 38 20.06 3.33 -3.47
C LYS A 38 21.51 3.13 -3.85
N SER A 39 22.11 2.05 -3.35
CA SER A 39 23.51 1.75 -3.64
C SER A 39 23.70 1.39 -5.11
N PHE A 40 22.69 0.77 -5.70
CA PHE A 40 22.73 0.37 -7.10
C PHE A 40 22.83 1.58 -8.02
N GLN A 41 22.16 2.66 -7.62
CA GLN A 41 22.16 3.89 -8.40
C GLN A 41 23.53 4.56 -8.36
N GLN A 42 24.17 4.51 -7.19
CA GLN A 42 25.49 5.11 -7.02
C GLN A 42 26.54 4.35 -7.82
N ALA A 43 26.34 3.05 -7.97
CA ALA A 43 27.27 2.20 -8.71
C ALA A 43 27.04 2.33 -10.22
N ALA A 44 25.81 2.65 -10.60
CA ALA A 44 25.47 2.80 -12.01
C ALA A 44 26.41 3.79 -12.70
N LYS A 45 26.70 4.90 -12.02
CA LYS A 45 27.57 5.92 -12.57
C LYS A 45 28.93 5.32 -12.95
N GLU A 46 29.41 4.39 -12.14
CA GLU A 46 30.69 3.74 -12.41
C GLU A 46 30.55 2.67 -13.50
N PHE A 47 29.35 2.11 -13.63
CA PHE A 47 29.08 1.10 -14.63
C PHE A 47 29.37 1.62 -16.03
N GLU A 48 29.15 2.92 -16.22
CA GLU A 48 29.39 3.54 -17.52
C GLU A 48 30.80 3.23 -18.03
N SER A 49 31.75 3.15 -17.10
CA SER A 49 33.14 2.87 -17.45
C SER A 49 33.40 1.36 -17.43
N GLU A 50 32.64 0.64 -16.62
CA GLU A 50 32.80 -0.81 -16.50
C GLU A 50 32.63 -1.47 -17.86
N LEU A 51 31.80 -0.88 -18.71
CA LEU A 51 31.55 -1.42 -20.04
C LEU A 51 32.83 -1.49 -20.85
N LYS A 52 33.73 -0.53 -20.62
CA LYS A 52 35.00 -0.48 -21.33
C LYS A 52 36.08 -1.23 -20.56
N THR A 53 36.91 -1.98 -21.28
CA THR A 53 37.99 -2.75 -20.66
C THR A 53 39.34 -2.32 -21.20
N ALA A 1 -19.69 -1.02 -7.76
CA ALA A 1 -20.32 0.24 -7.36
C ALA A 1 -19.32 1.40 -7.42
N LEU A 2 -19.84 2.62 -7.48
CA LEU A 2 -19.00 3.81 -7.53
C LEU A 2 -19.48 4.86 -6.55
N PHE A 3 -18.90 6.05 -6.64
CA PHE A 3 -19.28 7.16 -5.76
C PHE A 3 -19.02 6.79 -4.29
N GLY A 4 -18.06 5.89 -4.07
CA GLY A 4 -17.74 5.47 -2.73
C GLY A 4 -18.93 4.86 -2.01
N LEU A 5 -19.75 4.14 -2.75
CA LEU A 5 -20.94 3.49 -2.18
C LEU A 5 -20.61 2.08 -1.71
N GLY A 6 -21.61 1.39 -1.17
CA GLY A 6 -21.41 0.04 -0.69
C GLY A 6 -20.68 0.00 0.64
N VAL A 7 -21.41 -0.30 1.70
CA VAL A 7 -20.83 -0.36 3.04
C VAL A 7 -19.81 -1.50 3.14
N PRO A 8 -20.22 -2.69 2.71
CA PRO A 8 -19.36 -3.88 2.73
C PRO A 8 -18.22 -3.79 1.72
N GLU A 9 -18.43 -2.99 0.67
CA GLU A 9 -17.42 -2.83 -0.38
C GLU A 9 -16.36 -1.82 0.06
N LEU A 10 -16.75 -0.89 0.93
CA LEU A 10 -15.82 0.13 1.42
C LEU A 10 -14.65 -0.51 2.15
N ALA A 11 -14.87 -1.71 2.70
CA ALA A 11 -13.82 -2.42 3.41
C ALA A 11 -12.87 -3.12 2.45
N VAL A 12 -13.40 -3.51 1.29
CA VAL A 12 -12.60 -4.19 0.27
C VAL A 12 -11.80 -3.19 -0.56
N ILE A 13 -12.47 -2.17 -1.06
CA ILE A 13 -11.83 -1.15 -1.87
C ILE A 13 -10.68 -0.49 -1.11
N ALA A 14 -10.78 -0.51 0.22
CA ALA A 14 -9.76 0.09 1.06
C ALA A 14 -8.37 -0.46 0.72
N GLY A 15 -8.22 -1.76 0.85
CA GLY A 15 -6.94 -2.40 0.55
C GLY A 15 -6.50 -2.15 -0.88
N VAL A 16 -7.46 -1.92 -1.76
CA VAL A 16 -7.15 -1.67 -3.17
C VAL A 16 -6.65 -0.25 -3.39
N ALA A 17 -7.15 0.68 -2.57
CA ALA A 17 -6.75 2.08 -2.67
C ALA A 17 -5.44 2.32 -1.93
N ALA A 18 -5.15 1.48 -0.93
CA ALA A 18 -3.93 1.61 -0.15
C ALA A 18 -2.70 1.27 -0.99
N LEU A 19 -2.88 0.37 -1.96
CA LEU A 19 -1.78 -0.04 -2.82
C LEU A 19 -1.45 1.06 -3.83
N LEU A 20 -2.44 1.88 -4.15
CA LEU A 20 -2.25 2.98 -5.10
C LEU A 20 -1.81 4.26 -4.38
N PHE A 21 -2.48 4.55 -3.27
CA PHE A 21 -2.16 5.74 -2.48
C PHE A 21 -0.83 5.58 -1.76
N GLY A 22 -0.57 4.37 -1.27
CA GLY A 22 0.67 4.10 -0.56
C GLY A 22 0.76 4.86 0.75
N PRO A 23 0.01 4.39 1.76
CA PRO A 23 0.00 5.02 3.09
C PRO A 23 1.31 4.81 3.84
N LYS A 24 1.32 5.21 5.11
CA LYS A 24 2.51 5.07 5.93
C LYS A 24 2.62 3.66 6.50
N LYS A 25 1.67 3.30 7.34
CA LYS A 25 1.65 1.97 7.95
C LYS A 25 0.33 1.26 7.68
N LEU A 26 -0.27 1.56 6.53
CA LEU A 26 -1.54 0.95 6.15
C LEU A 26 -2.57 1.09 7.27
N PRO A 27 -3.08 2.32 7.44
CA PRO A 27 -4.09 2.61 8.47
C PRO A 27 -5.44 1.98 8.16
N GLU A 28 -5.63 1.56 6.92
CA GLU A 28 -6.87 0.94 6.49
C GLU A 28 -7.25 -0.22 7.41
N ILE A 29 -6.23 -0.88 7.96
CA ILE A 29 -6.46 -2.00 8.86
C ILE A 29 -7.30 -1.58 10.06
N GLY A 30 -7.18 -0.31 10.45
CA GLY A 30 -7.93 0.20 11.58
C GLY A 30 -9.40 0.43 11.25
N LYS A 31 -9.69 0.58 9.96
CA LYS A 31 -11.06 0.82 9.51
C LYS A 31 -11.85 -0.49 9.50
N SER A 32 -11.20 -1.57 9.08
CA SER A 32 -11.85 -2.87 9.02
C SER A 32 -12.14 -3.39 10.43
N ILE A 33 -11.12 -3.37 11.28
CA ILE A 33 -11.27 -3.83 12.65
C ILE A 33 -12.01 -2.82 13.52
N GLY A 34 -11.82 -1.54 13.19
CA GLY A 34 -12.48 -0.48 13.93
C GLY A 34 -13.98 -0.71 14.07
N LYS A 35 -14.64 -0.98 12.94
CA LYS A 35 -16.08 -1.21 12.94
C LYS A 35 -16.43 -2.38 13.86
N THR A 36 -15.46 -3.23 14.14
CA THR A 36 -15.69 -4.38 15.00
C THR A 36 -15.39 -4.04 16.46
N VAL A 37 -14.14 -3.67 16.74
CA VAL A 37 -13.74 -3.31 18.09
C VAL A 37 -14.62 -2.20 18.65
N LYS A 38 -14.95 -1.23 17.80
CA LYS A 38 -15.79 -0.11 18.21
C LYS A 38 -17.24 -0.55 18.38
N SER A 39 -17.60 -1.65 17.72
CA SER A 39 -18.96 -2.17 17.79
C SER A 39 -19.20 -2.91 19.11
N PHE A 40 -18.13 -3.47 19.66
CA PHE A 40 -18.22 -4.20 20.92
C PHE A 40 -18.07 -3.25 22.11
N GLN A 41 -17.39 -2.14 21.89
CA GLN A 41 -17.18 -1.15 22.95
C GLN A 41 -18.50 -0.74 23.58
N GLN A 42 -19.55 -0.69 22.76
CA GLN A 42 -20.87 -0.31 23.24
C GLN A 42 -21.30 -1.19 24.41
N ALA A 43 -20.86 -2.44 24.40
CA ALA A 43 -21.20 -3.38 25.46
C ALA A 43 -20.17 -3.33 26.58
N ALA A 44 -18.89 -3.32 26.21
CA ALA A 44 -17.81 -3.28 27.18
C ALA A 44 -17.92 -2.04 28.07
N LYS A 45 -18.50 -0.98 27.52
CA LYS A 45 -18.66 0.27 28.25
C LYS A 45 -19.64 0.10 29.41
N GLU A 46 -20.58 -0.82 29.24
CA GLU A 46 -21.58 -1.08 30.26
C GLU A 46 -21.05 -2.08 31.29
N PHE A 47 -20.13 -2.93 30.87
CA PHE A 47 -19.54 -3.93 31.74
C PHE A 47 -19.03 -3.29 33.03
N GLU A 48 -18.60 -2.04 32.93
CA GLU A 48 -18.07 -1.31 34.09
C GLU A 48 -19.07 -1.34 35.24
N SER A 49 -20.36 -1.40 34.90
CA SER A 49 -21.40 -1.44 35.91
C SER A 49 -21.67 -2.87 36.38
N GLU A 50 -21.47 -3.82 35.48
CA GLU A 50 -21.69 -5.23 35.78
C GLU A 50 -20.78 -5.68 36.93
N LEU A 51 -19.49 -5.71 36.68
CA LEU A 51 -18.51 -6.12 37.69
C LEU A 51 -17.11 -5.63 37.32
N LYS A 52 -17.05 -4.54 36.56
CA LYS A 52 -15.78 -3.96 36.15
C LYS A 52 -14.90 -5.01 35.45
N THR A 53 -15.43 -5.60 34.38
CA THR A 53 -14.71 -6.61 33.63
C THR A 53 -14.42 -7.84 34.50
N ALA A 1 -20.99 12.04 8.05
CA ALA A 1 -20.46 10.69 8.24
C ALA A 1 -20.47 9.91 6.93
N LEU A 2 -21.66 9.63 6.42
CA LEU A 2 -21.80 8.88 5.17
C LEU A 2 -21.44 9.75 3.97
N PHE A 3 -21.01 9.12 2.89
CA PHE A 3 -20.64 9.83 1.68
C PHE A 3 -21.07 9.06 0.44
N GLY A 4 -22.19 8.36 0.54
CA GLY A 4 -22.69 7.58 -0.57
C GLY A 4 -21.69 6.57 -1.07
N LEU A 5 -21.14 5.78 -0.15
CA LEU A 5 -20.15 4.75 -0.50
C LEU A 5 -20.55 3.40 0.08
N GLY A 6 -20.32 2.35 -0.69
CA GLY A 6 -20.64 1.01 -0.24
C GLY A 6 -20.05 0.69 1.12
N VAL A 7 -20.93 0.52 2.11
CA VAL A 7 -20.48 0.21 3.46
C VAL A 7 -19.54 -0.99 3.48
N PRO A 8 -20.03 -2.13 2.97
CA PRO A 8 -19.24 -3.37 2.91
C PRO A 8 -18.10 -3.29 1.90
N GLU A 9 -18.40 -2.76 0.71
CA GLU A 9 -17.39 -2.62 -0.34
C GLU A 9 -16.22 -1.78 0.14
N LEU A 10 -16.48 -0.90 1.11
CA LEU A 10 -15.44 -0.04 1.66
C LEU A 10 -14.27 -0.86 2.18
N ALA A 11 -14.58 -2.00 2.79
CA ALA A 11 -13.56 -2.87 3.34
C ALA A 11 -12.61 -3.36 2.25
N VAL A 12 -13.17 -3.59 1.06
CA VAL A 12 -12.38 -4.06 -0.07
C VAL A 12 -11.55 -2.94 -0.68
N ILE A 13 -12.23 -1.89 -1.14
CA ILE A 13 -11.56 -0.75 -1.74
C ILE A 13 -10.54 -0.15 -0.78
N ALA A 14 -10.76 -0.34 0.50
CA ALA A 14 -9.87 0.18 1.52
C ALA A 14 -8.43 -0.23 1.26
N GLY A 15 -8.19 -1.54 1.17
CA GLY A 15 -6.86 -2.05 0.91
C GLY A 15 -6.48 -1.97 -0.55
N VAL A 16 -7.46 -2.19 -1.42
CA VAL A 16 -7.22 -2.14 -2.86
C VAL A 16 -6.69 -0.77 -3.29
N ALA A 17 -7.37 0.28 -2.85
CA ALA A 17 -6.96 1.64 -3.19
C ALA A 17 -5.73 2.05 -2.39
N ALA A 18 -5.54 1.45 -1.23
CA ALA A 18 -4.40 1.75 -0.38
C ALA A 18 -3.12 1.14 -0.94
N LEU A 19 -3.27 0.08 -1.73
CA LEU A 19 -2.13 -0.60 -2.33
C LEU A 19 -1.48 0.27 -3.40
N LEU A 20 -2.31 0.99 -4.15
CA LEU A 20 -1.83 1.86 -5.21
C LEU A 20 -1.57 3.27 -4.69
N PHE A 21 -2.49 3.75 -3.84
CA PHE A 21 -2.36 5.08 -3.26
C PHE A 21 -1.25 5.13 -2.22
N GLY A 22 -0.97 3.97 -1.61
CA GLY A 22 0.07 3.89 -0.60
C GLY A 22 1.25 3.05 -1.05
N PRO A 23 1.98 2.48 -0.08
CA PRO A 23 3.15 1.64 -0.35
C PRO A 23 2.77 0.31 -0.98
N LYS A 24 3.74 -0.58 -1.11
CA LYS A 24 3.51 -1.90 -1.70
C LYS A 24 3.08 -1.77 -3.17
N LYS A 25 4.07 -1.64 -4.05
CA LYS A 25 3.80 -1.52 -5.47
C LYS A 25 4.28 -2.75 -6.23
N LEU A 26 5.28 -3.43 -5.69
CA LEU A 26 5.83 -4.62 -6.30
C LEU A 26 6.91 -5.24 -5.44
N PRO A 27 6.51 -5.79 -4.28
CA PRO A 27 7.43 -6.43 -3.34
C PRO A 27 8.01 -7.74 -3.88
N GLU A 28 7.61 -8.08 -5.10
CA GLU A 28 8.08 -9.31 -5.74
C GLU A 28 9.61 -9.36 -5.74
N ILE A 29 10.24 -8.19 -5.70
CA ILE A 29 11.69 -8.10 -5.71
C ILE A 29 12.28 -8.68 -4.44
N GLY A 30 11.49 -8.68 -3.36
CA GLY A 30 11.96 -9.20 -2.10
C GLY A 30 11.89 -10.71 -2.04
N LYS A 31 11.06 -11.31 -2.89
CA LYS A 31 10.91 -12.76 -2.94
C LYS A 31 12.06 -13.40 -3.71
N SER A 32 12.65 -12.63 -4.61
CA SER A 32 13.76 -13.13 -5.42
C SER A 32 15.08 -13.07 -4.64
N ILE A 33 15.34 -11.92 -4.03
CA ILE A 33 16.56 -11.73 -3.26
C ILE A 33 16.42 -12.36 -1.87
N GLY A 34 15.19 -12.48 -1.39
CA GLY A 34 14.95 -13.07 -0.09
C GLY A 34 15.55 -14.46 0.04
N LYS A 35 15.69 -15.15 -1.09
CA LYS A 35 16.24 -16.49 -1.10
C LYS A 35 17.70 -16.47 -0.63
N THR A 36 18.43 -15.45 -1.04
CA THR A 36 19.84 -15.32 -0.67
C THR A 36 20.00 -14.57 0.64
N VAL A 37 19.30 -13.43 0.75
CA VAL A 37 19.37 -12.62 1.96
C VAL A 37 19.01 -13.44 3.20
N LYS A 38 17.85 -14.09 3.15
CA LYS A 38 17.39 -14.91 4.25
C LYS A 38 18.32 -16.10 4.48
N SER A 39 18.99 -16.53 3.41
CA SER A 39 19.91 -17.66 3.48
C SER A 39 21.24 -17.25 4.10
N PHE A 40 21.56 -15.96 3.97
CA PHE A 40 22.81 -15.43 4.52
C PHE A 40 22.85 -15.60 6.04
N GLN A 41 21.68 -15.63 6.65
CA GLN A 41 21.58 -15.78 8.11
C GLN A 41 22.36 -17.00 8.57
N GLN A 42 22.47 -18.00 7.71
CA GLN A 42 23.19 -19.22 8.03
C GLN A 42 24.58 -18.91 8.55
N ALA A 43 25.24 -17.95 7.92
CA ALA A 43 26.59 -17.55 8.32
C ALA A 43 26.56 -16.31 9.19
N ALA A 44 25.61 -15.42 8.91
CA ALA A 44 25.47 -14.18 9.68
C ALA A 44 25.17 -14.47 11.14
N LYS A 45 24.58 -15.64 11.40
CA LYS A 45 24.23 -16.02 12.76
C LYS A 45 25.46 -15.97 13.68
N GLU A 46 26.63 -16.24 13.11
CA GLU A 46 27.87 -16.21 13.86
C GLU A 46 28.43 -14.79 13.94
N PHE A 47 28.20 -14.02 12.88
CA PHE A 47 28.67 -12.64 12.82
C PHE A 47 27.98 -11.78 13.88
N GLU A 48 26.77 -12.17 14.24
CA GLU A 48 25.99 -11.42 15.23
C GLU A 48 26.79 -11.26 16.53
N SER A 49 27.60 -12.26 16.85
CA SER A 49 28.41 -12.23 18.07
C SER A 49 29.33 -11.03 18.08
N GLU A 50 29.69 -10.56 16.88
CA GLU A 50 30.58 -9.41 16.74
C GLU A 50 31.91 -9.65 17.44
N LEU A 51 32.39 -10.90 17.35
CA LEU A 51 33.66 -11.27 17.98
C LEU A 51 34.75 -11.48 16.92
N LYS A 52 34.33 -11.88 15.72
CA LYS A 52 35.26 -12.11 14.62
C LYS A 52 35.93 -10.80 14.19
N THR A 53 35.11 -9.78 13.97
CA THR A 53 35.62 -8.48 13.55
C THR A 53 35.35 -7.41 14.61
N ALA A 1 -23.02 -3.62 -3.80
CA ALA A 1 -23.22 -4.81 -4.62
C ALA A 1 -24.70 -5.15 -4.74
N LEU A 2 -25.25 -5.02 -5.95
CA LEU A 2 -26.66 -5.30 -6.19
C LEU A 2 -27.55 -4.49 -5.26
N PHE A 3 -27.04 -3.33 -4.83
CA PHE A 3 -27.79 -2.46 -3.94
C PHE A 3 -27.87 -3.04 -2.53
N GLY A 4 -28.58 -4.15 -2.40
CA GLY A 4 -28.71 -4.79 -1.10
C GLY A 4 -27.37 -5.18 -0.50
N LEU A 5 -26.56 -5.89 -1.26
CA LEU A 5 -25.25 -6.32 -0.80
C LEU A 5 -24.20 -5.23 -1.03
N GLY A 6 -22.95 -5.54 -0.71
CA GLY A 6 -21.88 -4.57 -0.89
C GLY A 6 -21.31 -4.09 0.42
N VAL A 7 -21.50 -4.88 1.47
CA VAL A 7 -21.00 -4.53 2.80
C VAL A 7 -19.48 -4.46 2.81
N PRO A 8 -18.83 -5.57 2.43
CA PRO A 8 -17.37 -5.65 2.38
C PRO A 8 -16.77 -4.81 1.26
N GLU A 9 -17.61 -4.42 0.31
CA GLU A 9 -17.16 -3.61 -0.82
C GLU A 9 -16.48 -2.34 -0.33
N LEU A 10 -16.85 -1.89 0.87
CA LEU A 10 -16.27 -0.68 1.45
C LEU A 10 -14.95 -1.00 2.16
N ALA A 11 -14.82 -2.23 2.62
CA ALA A 11 -13.61 -2.66 3.31
C ALA A 11 -12.55 -3.14 2.32
N VAL A 12 -12.99 -3.57 1.14
CA VAL A 12 -12.07 -4.05 0.12
C VAL A 12 -11.61 -2.90 -0.78
N ILE A 13 -12.47 -1.91 -0.95
CA ILE A 13 -12.17 -0.75 -1.78
C ILE A 13 -11.09 0.11 -1.13
N ALA A 14 -11.00 0.04 0.20
CA ALA A 14 -10.00 0.81 0.93
C ALA A 14 -8.63 0.15 0.87
N GLY A 15 -8.59 -1.15 1.11
CA GLY A 15 -7.34 -1.88 1.08
C GLY A 15 -6.77 -2.00 -0.34
N VAL A 16 -7.64 -2.31 -1.30
CA VAL A 16 -7.22 -2.46 -2.68
C VAL A 16 -6.51 -1.20 -3.17
N ALA A 17 -6.85 -0.06 -2.57
CA ALA A 17 -6.24 1.21 -2.95
C ALA A 17 -4.97 1.46 -2.14
N ALA A 18 -4.91 0.89 -0.94
CA ALA A 18 -3.75 1.05 -0.07
C ALA A 18 -2.51 0.38 -0.68
N LEU A 19 -2.73 -0.69 -1.43
CA LEU A 19 -1.62 -1.41 -2.05
C LEU A 19 -1.16 -0.70 -3.32
N LEU A 20 -2.06 0.04 -3.95
CA LEU A 20 -1.74 0.77 -5.17
C LEU A 20 -1.04 2.08 -4.85
N PHE A 21 -1.66 2.89 -4.00
CA PHE A 21 -1.08 4.17 -3.60
C PHE A 21 0.16 3.97 -2.75
N GLY A 22 0.09 3.00 -1.84
CA GLY A 22 1.23 2.72 -0.97
C GLY A 22 1.85 3.99 -0.42
N PRO A 23 3.02 4.37 -0.96
CA PRO A 23 3.74 5.57 -0.52
C PRO A 23 3.02 6.85 -0.91
N LYS A 24 3.61 7.99 -0.54
CA LYS A 24 3.02 9.29 -0.85
C LYS A 24 3.94 10.09 -1.78
N LYS A 25 5.23 9.80 -1.71
CA LYS A 25 6.21 10.49 -2.54
C LYS A 25 6.27 11.98 -2.20
N LEU A 26 5.81 12.31 -0.99
CA LEU A 26 5.81 13.71 -0.54
C LEU A 26 5.97 13.78 0.97
N PRO A 27 7.16 13.40 1.46
CA PRO A 27 7.47 13.43 2.89
C PRO A 27 7.58 14.85 3.44
N GLU A 28 7.75 15.81 2.53
CA GLU A 28 7.87 17.21 2.93
C GLU A 28 6.69 17.64 3.79
N ILE A 29 5.55 16.99 3.58
CA ILE A 29 4.34 17.31 4.34
C ILE A 29 4.45 16.81 5.78
N GLY A 30 5.21 15.74 5.98
CA GLY A 30 5.39 15.18 7.31
C GLY A 30 6.01 16.17 8.27
N LYS A 31 6.67 17.18 7.73
CA LYS A 31 7.32 18.21 8.55
C LYS A 31 6.28 19.08 9.24
N SER A 32 5.35 19.63 8.46
CA SER A 32 4.30 20.48 9.00
C SER A 32 3.18 19.64 9.61
N ILE A 33 2.72 18.65 8.86
CA ILE A 33 1.65 17.77 9.33
C ILE A 33 2.10 16.96 10.54
N GLY A 34 3.38 16.64 10.59
CA GLY A 34 3.91 15.86 11.70
C GLY A 34 3.54 16.45 13.04
N LYS A 35 3.79 17.75 13.21
CA LYS A 35 3.48 18.44 14.46
C LYS A 35 2.00 18.31 14.79
N THR A 36 1.19 18.04 13.78
CA THR A 36 -0.25 17.89 13.98
C THR A 36 -0.62 16.44 14.28
N VAL A 37 -0.33 15.56 13.34
CA VAL A 37 -0.63 14.14 13.50
C VAL A 37 0.02 13.58 14.77
N LYS A 38 1.24 14.02 15.04
CA LYS A 38 1.97 13.58 16.22
C LYS A 38 1.40 14.21 17.49
N SER A 39 0.75 15.36 17.32
CA SER A 39 0.15 16.07 18.45
C SER A 39 -1.12 15.38 18.93
N PHE A 40 -1.86 14.81 17.98
CA PHE A 40 -3.11 14.12 18.30
C PHE A 40 -2.82 12.74 18.89
N GLN A 41 -1.73 12.13 18.46
CA GLN A 41 -1.36 10.81 18.95
C GLN A 41 -1.02 10.85 20.44
N GLN A 42 -0.32 11.90 20.85
CA GLN A 42 0.06 12.06 22.25
C GLN A 42 -1.16 12.07 23.15
N ALA A 43 -2.24 12.69 22.68
CA ALA A 43 -3.48 12.77 23.43
C ALA A 43 -4.25 11.46 23.36
N ALA A 44 -4.03 10.70 22.29
CA ALA A 44 -4.69 9.43 22.11
C ALA A 44 -4.10 8.35 23.01
N LYS A 45 -2.84 8.54 23.38
CA LYS A 45 -2.15 7.58 24.25
C LYS A 45 -2.96 7.32 25.52
N GLU A 46 -3.56 8.38 26.05
CA GLU A 46 -4.36 8.26 27.27
C GLU A 46 -5.78 7.79 26.95
N PHE A 47 -6.23 8.07 25.73
CA PHE A 47 -7.57 7.68 25.31
C PHE A 47 -7.59 6.21 24.89
N GLU A 48 -6.43 5.56 24.94
CA GLU A 48 -6.32 4.16 24.57
C GLU A 48 -7.23 3.30 25.45
N SER A 49 -6.98 3.33 26.76
CA SER A 49 -7.77 2.54 27.70
C SER A 49 -8.98 3.34 28.19
N GLU A 50 -8.73 4.56 28.64
CA GLU A 50 -9.79 5.43 29.15
C GLU A 50 -9.26 6.82 29.45
N LEU A 51 -8.05 6.88 30.00
CA LEU A 51 -7.43 8.16 30.34
C LEU A 51 -6.00 7.95 30.84
N LYS A 52 -5.33 6.93 30.30
CA LYS A 52 -3.96 6.63 30.68
C LYS A 52 -3.43 5.43 29.90
N THR A 53 -2.49 5.69 28.99
CA THR A 53 -1.90 4.63 28.18
C THR A 53 -2.97 3.80 27.50
N ALA A 1 -30.69 3.70 -1.83
CA ALA A 1 -30.05 2.40 -1.79
C ALA A 1 -29.48 2.03 -3.17
N LEU A 2 -28.16 1.97 -3.25
CA LEU A 2 -27.49 1.64 -4.51
C LEU A 2 -27.44 0.12 -4.70
N PHE A 3 -27.22 -0.30 -5.95
CA PHE A 3 -27.15 -1.71 -6.27
C PHE A 3 -25.77 -2.29 -5.93
N GLY A 4 -24.77 -1.42 -5.95
CA GLY A 4 -23.41 -1.86 -5.64
C GLY A 4 -23.07 -1.69 -4.18
N LEU A 5 -24.10 -1.59 -3.34
CA LEU A 5 -23.90 -1.42 -1.90
C LEU A 5 -23.16 -2.62 -1.31
N GLY A 6 -22.84 -2.54 -0.02
CA GLY A 6 -22.15 -3.63 0.64
C GLY A 6 -21.32 -3.16 1.82
N VAL A 7 -21.77 -3.52 3.02
CA VAL A 7 -21.07 -3.12 4.24
C VAL A 7 -19.61 -3.55 4.20
N PRO A 8 -19.39 -4.87 4.03
CA PRO A 8 -18.03 -5.44 3.97
C PRO A 8 -17.30 -5.04 2.69
N GLU A 9 -18.06 -4.73 1.65
CA GLU A 9 -17.47 -4.34 0.37
C GLU A 9 -16.64 -3.08 0.52
N LEU A 10 -17.17 -2.10 1.25
CA LEU A 10 -16.47 -0.84 1.46
C LEU A 10 -15.10 -1.08 2.08
N ALA A 11 -14.96 -2.19 2.80
CA ALA A 11 -13.70 -2.55 3.43
C ALA A 11 -12.70 -3.09 2.42
N VAL A 12 -13.22 -3.66 1.33
CA VAL A 12 -12.37 -4.22 0.28
C VAL A 12 -11.70 -3.12 -0.53
N ILE A 13 -12.51 -2.24 -1.11
CA ILE A 13 -12.01 -1.14 -1.92
C ILE A 13 -10.94 -0.35 -1.16
N ALA A 14 -11.11 -0.26 0.15
CA ALA A 14 -10.16 0.46 0.99
C ALA A 14 -8.75 -0.08 0.82
N GLY A 15 -8.62 -1.41 0.84
CA GLY A 15 -7.31 -2.03 0.69
C GLY A 15 -6.77 -1.89 -0.72
N VAL A 16 -7.68 -1.80 -1.69
CA VAL A 16 -7.28 -1.67 -3.09
C VAL A 16 -6.35 -0.48 -3.29
N ALA A 17 -6.80 0.70 -2.84
CA ALA A 17 -6.01 1.91 -2.96
C ALA A 17 -4.76 1.84 -2.10
N ALA A 18 -4.84 1.10 -1.01
CA ALA A 18 -3.72 0.95 -0.08
C ALA A 18 -2.52 0.30 -0.78
N LEU A 19 -2.81 -0.48 -1.82
CA LEU A 19 -1.76 -1.16 -2.57
C LEU A 19 -0.99 -0.18 -3.45
N LEU A 20 -1.69 0.81 -3.99
CA LEU A 20 -1.07 1.81 -4.85
C LEU A 20 -0.32 2.84 -4.01
N PHE A 21 -1.04 3.53 -3.13
CA PHE A 21 -0.45 4.55 -2.27
C PHE A 21 0.52 3.91 -1.28
N GLY A 22 0.14 2.75 -0.75
CA GLY A 22 0.98 2.06 0.21
C GLY A 22 1.53 0.75 -0.32
N PRO A 23 2.52 0.84 -1.21
CA PRO A 23 3.14 -0.33 -1.83
C PRO A 23 3.98 -1.14 -0.82
N LYS A 24 3.54 -2.37 -0.55
CA LYS A 24 4.25 -3.23 0.38
C LYS A 24 5.33 -4.03 -0.33
N LYS A 25 4.98 -4.61 -1.46
CA LYS A 25 5.93 -5.41 -2.25
C LYS A 25 6.39 -6.63 -1.46
N LEU A 26 5.54 -7.10 -0.55
CA LEU A 26 5.87 -8.26 0.27
C LEU A 26 5.85 -9.54 -0.57
N PRO A 27 4.68 -9.84 -1.15
CA PRO A 27 4.50 -11.03 -2.00
C PRO A 27 5.25 -10.93 -3.32
N GLU A 28 5.84 -9.76 -3.57
CA GLU A 28 6.59 -9.54 -4.79
C GLU A 28 7.60 -10.66 -5.03
N ILE A 29 8.10 -11.23 -3.94
CA ILE A 29 9.07 -12.32 -4.03
C ILE A 29 8.58 -13.43 -4.95
N GLY A 30 7.27 -13.66 -4.93
CA GLY A 30 6.69 -14.69 -5.78
C GLY A 30 6.68 -14.31 -7.24
N LYS A 31 6.35 -13.05 -7.52
CA LYS A 31 6.30 -12.56 -8.89
C LYS A 31 7.71 -12.40 -9.47
N SER A 32 8.67 -12.12 -8.59
CA SER A 32 10.05 -11.94 -9.01
C SER A 32 10.59 -13.22 -9.66
N ILE A 33 10.03 -14.36 -9.26
CA ILE A 33 10.46 -15.64 -9.80
C ILE A 33 10.23 -15.71 -11.31
N GLY A 34 9.09 -15.17 -11.75
CA GLY A 34 8.77 -15.17 -13.16
C GLY A 34 9.81 -14.46 -13.99
N LYS A 35 10.40 -13.41 -13.42
CA LYS A 35 11.41 -12.63 -14.12
C LYS A 35 12.58 -13.52 -14.55
N THR A 36 12.92 -14.48 -13.71
CA THR A 36 14.02 -15.39 -13.99
C THR A 36 13.53 -16.60 -14.79
N VAL A 37 12.47 -17.24 -14.30
CA VAL A 37 11.91 -18.41 -14.97
C VAL A 37 11.58 -18.10 -16.42
N LYS A 38 10.82 -17.03 -16.64
CA LYS A 38 10.44 -16.62 -17.99
C LYS A 38 11.66 -16.21 -18.81
N SER A 39 12.64 -15.62 -18.14
CA SER A 39 13.86 -15.18 -18.80
C SER A 39 14.59 -16.36 -19.43
N PHE A 40 14.45 -17.54 -18.82
CA PHE A 40 15.10 -18.74 -19.32
C PHE A 40 14.56 -19.12 -20.69
N GLN A 41 13.25 -18.95 -20.88
CA GLN A 41 12.61 -19.27 -22.14
C GLN A 41 13.12 -18.36 -23.26
N GLN A 42 13.16 -17.07 -22.98
CA GLN A 42 13.62 -16.09 -23.96
C GLN A 42 15.14 -16.17 -24.14
N ALA A 43 15.83 -16.64 -23.11
CA ALA A 43 17.28 -16.77 -23.16
C ALA A 43 17.69 -17.97 -24.01
N ALA A 44 16.87 -19.02 -23.98
CA ALA A 44 17.14 -20.23 -24.74
C ALA A 44 17.41 -19.91 -26.22
N LYS A 45 16.73 -18.89 -26.72
CA LYS A 45 16.89 -18.47 -28.11
C LYS A 45 18.35 -18.24 -28.43
N GLU A 46 19.13 -17.84 -27.43
CA GLU A 46 20.55 -17.57 -27.62
C GLU A 46 21.38 -18.76 -27.14
N PHE A 47 21.09 -19.23 -25.92
CA PHE A 47 21.82 -20.35 -25.34
C PHE A 47 21.81 -21.54 -26.29
N GLU A 48 20.74 -21.67 -27.07
CA GLU A 48 20.61 -22.77 -28.02
C GLU A 48 21.48 -22.54 -29.25
N SER A 49 21.69 -21.27 -29.58
CA SER A 49 22.50 -20.91 -30.74
C SER A 49 23.98 -21.09 -30.45
N GLU A 50 24.38 -20.80 -29.22
CA GLU A 50 25.77 -20.93 -28.80
C GLU A 50 25.87 -21.33 -27.33
N LEU A 51 25.60 -20.38 -26.44
CA LEU A 51 25.66 -20.63 -25.01
C LEU A 51 25.09 -19.46 -24.22
N LYS A 52 25.37 -18.24 -24.69
CA LYS A 52 24.89 -17.05 -24.03
C LYS A 52 25.14 -15.81 -24.90
N THR A 53 24.57 -14.68 -24.50
CA THR A 53 24.73 -13.43 -25.24
C THR A 53 26.21 -13.09 -25.43
N ALA A 1 -27.24 4.72 -2.81
CA ALA A 1 -27.54 5.70 -1.77
C ALA A 1 -27.65 5.02 -0.40
N LEU A 2 -28.04 3.76 -0.39
CA LEU A 2 -28.17 3.01 0.85
C LEU A 2 -26.86 2.28 1.20
N PHE A 3 -25.79 3.05 1.33
CA PHE A 3 -24.48 2.48 1.66
C PHE A 3 -24.13 2.74 3.11
N GLY A 4 -25.15 2.87 3.96
CA GLY A 4 -24.92 3.12 5.37
C GLY A 4 -24.29 1.93 6.07
N LEU A 5 -24.45 0.75 5.49
CA LEU A 5 -23.89 -0.47 6.09
C LEU A 5 -22.90 -1.13 5.13
N GLY A 6 -22.25 -0.31 4.31
CA GLY A 6 -21.28 -0.84 3.36
C GLY A 6 -19.90 -1.00 3.97
N VAL A 7 -19.83 -1.72 5.09
CA VAL A 7 -18.56 -1.94 5.77
C VAL A 7 -17.62 -2.79 4.92
N PRO A 8 -18.13 -3.93 4.43
CA PRO A 8 -17.36 -4.85 3.59
C PRO A 8 -17.07 -4.28 2.21
N GLU A 9 -18.11 -3.76 1.56
CA GLU A 9 -17.96 -3.17 0.23
C GLU A 9 -16.95 -2.03 0.25
N LEU A 10 -16.90 -1.31 1.36
CA LEU A 10 -15.97 -0.20 1.51
C LEU A 10 -14.61 -0.67 2.03
N ALA A 11 -14.62 -1.79 2.73
CA ALA A 11 -13.39 -2.36 3.29
C ALA A 11 -12.56 -3.03 2.20
N VAL A 12 -13.25 -3.75 1.31
CA VAL A 12 -12.57 -4.46 0.22
C VAL A 12 -11.87 -3.48 -0.71
N ILE A 13 -12.49 -2.32 -0.92
CA ILE A 13 -11.93 -1.30 -1.79
C ILE A 13 -10.83 -0.52 -1.08
N ALA A 14 -10.89 -0.48 0.25
CA ALA A 14 -9.91 0.23 1.04
C ALA A 14 -8.50 -0.31 0.79
N GLY A 15 -8.31 -1.60 1.08
CA GLY A 15 -7.01 -2.22 0.87
C GLY A 15 -6.51 -2.06 -0.54
N VAL A 16 -7.44 -1.92 -1.49
CA VAL A 16 -7.10 -1.77 -2.89
C VAL A 16 -6.42 -0.43 -3.15
N ALA A 17 -7.02 0.65 -2.64
CA ALA A 17 -6.47 1.98 -2.81
C ALA A 17 -5.19 2.16 -2.00
N ALA A 18 -5.07 1.39 -0.92
CA ALA A 18 -3.89 1.45 -0.06
C ALA A 18 -2.68 0.81 -0.74
N LEU A 19 -2.94 -0.11 -1.66
CA LEU A 19 -1.88 -0.80 -2.38
C LEU A 19 -1.39 0.04 -3.56
N LEU A 20 -2.32 0.75 -4.19
CA LEU A 20 -1.99 1.59 -5.34
C LEU A 20 -1.26 2.86 -4.89
N PHE A 21 -1.86 3.57 -3.95
CA PHE A 21 -1.29 4.80 -3.43
C PHE A 21 -0.13 4.50 -2.48
N GLY A 22 -0.31 3.49 -1.63
CA GLY A 22 0.73 3.13 -0.68
C GLY A 22 1.36 4.33 -0.01
N PRO A 23 2.58 4.68 -0.44
CA PRO A 23 3.32 5.82 0.12
C PRO A 23 2.69 7.16 -0.27
N LYS A 24 2.63 8.08 0.70
CA LYS A 24 2.06 9.40 0.46
C LYS A 24 2.61 10.41 1.45
N LYS A 25 2.63 10.03 2.73
CA LYS A 25 3.13 10.92 3.78
C LYS A 25 3.08 10.23 5.14
N LEU A 26 2.05 9.41 5.33
CA LEU A 26 1.86 8.70 6.59
C LEU A 26 2.00 7.19 6.39
N PRO A 27 3.25 6.73 6.17
CA PRO A 27 3.54 5.32 5.95
C PRO A 27 3.35 4.49 7.21
N GLU A 28 3.29 5.16 8.36
CA GLU A 28 3.11 4.48 9.65
C GLU A 28 1.88 3.58 9.62
N ILE A 29 0.89 3.99 8.83
CA ILE A 29 -0.36 3.22 8.72
C ILE A 29 -0.11 1.90 8.01
N GLY A 30 0.86 1.89 7.10
CA GLY A 30 1.17 0.68 6.35
C GLY A 30 1.60 -0.46 7.26
N LYS A 31 2.04 -0.11 8.47
CA LYS A 31 2.49 -1.11 9.44
C LYS A 31 1.30 -1.80 10.09
N SER A 32 0.22 -1.05 10.30
CA SER A 32 -0.98 -1.60 10.93
C SER A 32 -1.84 -2.32 9.89
N ILE A 33 -2.08 -1.66 8.76
CA ILE A 33 -2.89 -2.24 7.70
C ILE A 33 -2.11 -3.31 6.94
N GLY A 34 -0.79 -3.21 6.96
CA GLY A 34 0.05 -4.18 6.27
C GLY A 34 -0.30 -5.60 6.64
N LYS A 35 -0.35 -5.88 7.94
CA LYS A 35 -0.67 -7.22 8.43
C LYS A 35 -2.02 -7.68 7.87
N THR A 36 -2.85 -6.74 7.48
CA THR A 36 -4.17 -7.05 6.93
C THR A 36 -4.11 -7.22 5.43
N VAL A 37 -3.75 -6.15 4.72
CA VAL A 37 -3.66 -6.19 3.27
C VAL A 37 -2.74 -7.32 2.81
N LYS A 38 -1.65 -7.52 3.52
CA LYS A 38 -0.70 -8.58 3.19
C LYS A 38 -1.25 -9.95 3.55
N SER A 39 -2.19 -9.98 4.50
CA SER A 39 -2.80 -11.23 4.93
C SER A 39 -3.80 -11.73 3.90
N PHE A 40 -4.61 -10.81 3.38
CA PHE A 40 -5.62 -11.16 2.38
C PHE A 40 -4.97 -11.79 1.16
N GLN A 41 -3.76 -11.36 0.84
CA GLN A 41 -3.03 -11.88 -0.31
C GLN A 41 -2.72 -13.36 -0.12
N GLN A 42 -2.37 -13.74 1.11
CA GLN A 42 -2.05 -15.12 1.42
C GLN A 42 -3.26 -16.02 1.23
N ALA A 43 -4.44 -15.50 1.57
CA ALA A 43 -5.67 -16.26 1.44
C ALA A 43 -6.15 -16.29 -0.01
N ALA A 44 -5.98 -15.18 -0.71
CA ALA A 44 -6.38 -15.07 -2.10
C ALA A 44 -5.53 -15.98 -3.00
N LYS A 45 -4.29 -16.21 -2.57
CA LYS A 45 -3.38 -17.04 -3.33
C LYS A 45 -3.95 -18.44 -3.55
N GLU A 46 -4.59 -18.97 -2.51
CA GLU A 46 -5.20 -20.30 -2.60
C GLU A 46 -6.44 -20.28 -3.49
N PHE A 47 -7.11 -19.14 -3.53
CA PHE A 47 -8.32 -18.99 -4.34
C PHE A 47 -8.01 -19.23 -5.81
N GLU A 48 -6.81 -18.87 -6.23
CA GLU A 48 -6.39 -19.05 -7.62
C GLU A 48 -6.49 -20.52 -8.03
N SER A 49 -6.32 -21.41 -7.05
CA SER A 49 -6.38 -22.85 -7.30
C SER A 49 -7.83 -23.30 -7.48
N GLU A 50 -8.75 -22.61 -6.82
CA GLU A 50 -10.17 -22.95 -6.91
C GLU A 50 -10.77 -22.44 -8.20
N LEU A 51 -10.34 -23.01 -9.32
CA LEU A 51 -10.83 -22.60 -10.64
C LEU A 51 -10.46 -21.15 -10.94
N LYS A 52 -9.47 -20.64 -10.21
CA LYS A 52 -9.01 -19.27 -10.41
C LYS A 52 -10.08 -18.28 -9.95
N THR A 53 -11.11 -18.10 -10.79
CA THR A 53 -12.19 -17.18 -10.47
C THR A 53 -13.55 -17.85 -10.62
N ALA A 1 -17.36 3.16 -14.08
CA ALA A 1 -18.66 2.58 -13.75
C ALA A 1 -18.70 2.15 -12.28
N LEU A 2 -19.33 2.98 -11.45
CA LEU A 2 -19.44 2.69 -10.02
C LEU A 2 -20.88 2.38 -9.64
N PHE A 3 -21.63 1.81 -10.59
CA PHE A 3 -23.03 1.45 -10.34
C PHE A 3 -23.14 0.19 -9.49
N GLY A 4 -22.14 -0.68 -9.61
CA GLY A 4 -22.14 -1.91 -8.84
C GLY A 4 -21.67 -1.72 -7.41
N LEU A 5 -22.33 -0.83 -6.69
CA LEU A 5 -21.98 -0.54 -5.31
C LEU A 5 -22.17 -1.77 -4.42
N GLY A 6 -21.73 -1.68 -3.18
CA GLY A 6 -21.86 -2.78 -2.26
C GLY A 6 -21.25 -2.50 -0.90
N VAL A 7 -21.84 -3.07 0.15
CA VAL A 7 -21.34 -2.87 1.50
C VAL A 7 -19.93 -3.43 1.67
N PRO A 8 -19.75 -4.70 1.26
CA PRO A 8 -18.47 -5.38 1.35
C PRO A 8 -17.43 -4.81 0.38
N GLU A 9 -17.92 -4.22 -0.71
CA GLU A 9 -17.05 -3.65 -1.72
C GLU A 9 -16.40 -2.36 -1.20
N LEU A 10 -17.07 -1.70 -0.27
CA LEU A 10 -16.57 -0.46 0.31
C LEU A 10 -15.54 -0.74 1.40
N ALA A 11 -15.65 -1.92 2.02
CA ALA A 11 -14.73 -2.31 3.07
C ALA A 11 -13.47 -2.96 2.49
N VAL A 12 -13.60 -3.52 1.30
CA VAL A 12 -12.48 -4.17 0.63
C VAL A 12 -11.69 -3.18 -0.22
N ILE A 13 -12.40 -2.17 -0.73
CA ILE A 13 -11.77 -1.15 -1.57
C ILE A 13 -10.59 -0.51 -0.85
N ALA A 14 -10.63 -0.52 0.48
CA ALA A 14 -9.55 0.06 1.27
C ALA A 14 -8.19 -0.52 0.89
N GLY A 15 -8.09 -1.84 0.94
CA GLY A 15 -6.84 -2.51 0.60
C GLY A 15 -6.42 -2.22 -0.83
N VAL A 16 -7.40 -2.03 -1.71
CA VAL A 16 -7.13 -1.76 -3.11
C VAL A 16 -6.56 -0.35 -3.30
N ALA A 17 -7.30 0.64 -2.82
CA ALA A 17 -6.88 2.04 -2.93
C ALA A 17 -5.55 2.26 -2.23
N ALA A 18 -5.25 1.42 -1.25
CA ALA A 18 -4.01 1.52 -0.50
C ALA A 18 -2.81 1.09 -1.36
N LEU A 19 -3.08 0.25 -2.35
CA LEU A 19 -2.03 -0.23 -3.24
C LEU A 19 -1.80 0.74 -4.39
N LEU A 20 -2.84 1.50 -4.74
CA LEU A 20 -2.76 2.47 -5.82
C LEU A 20 -2.32 3.84 -5.30
N PHE A 21 -2.70 4.14 -4.06
CA PHE A 21 -2.34 5.41 -3.45
C PHE A 21 -1.10 5.26 -2.55
N GLY A 22 -0.91 4.06 -2.02
CA GLY A 22 0.22 3.80 -1.16
C GLY A 22 1.53 4.19 -1.81
N PRO A 23 1.97 3.40 -2.80
CA PRO A 23 3.23 3.65 -3.52
C PRO A 23 3.15 4.89 -4.40
N LYS A 24 4.22 5.16 -5.14
CA LYS A 24 4.28 6.30 -6.04
C LYS A 24 5.55 6.28 -6.87
N LYS A 25 5.52 5.55 -7.97
CA LYS A 25 6.67 5.46 -8.86
C LYS A 25 7.91 5.02 -8.09
N LEU A 26 7.73 4.10 -7.15
CA LEU A 26 8.84 3.59 -6.35
C LEU A 26 9.59 4.74 -5.67
N PRO A 27 8.96 5.36 -4.67
CA PRO A 27 9.56 6.48 -3.93
C PRO A 27 10.74 6.04 -3.06
N GLU A 28 11.09 4.76 -3.15
CA GLU A 28 12.20 4.22 -2.37
C GLU A 28 13.45 5.06 -2.56
N ILE A 29 13.64 5.57 -3.77
CA ILE A 29 14.81 6.40 -4.08
C ILE A 29 14.83 7.65 -3.22
N GLY A 30 13.66 8.09 -2.79
CA GLY A 30 13.57 9.27 -1.95
C GLY A 30 14.18 9.07 -0.58
N LYS A 31 14.09 7.85 -0.07
CA LYS A 31 14.64 7.52 1.25
C LYS A 31 16.14 7.79 1.29
N SER A 32 16.79 7.68 0.13
CA SER A 32 18.23 7.90 0.04
C SER A 32 18.54 9.39 0.00
N ILE A 33 17.63 10.17 -0.57
CA ILE A 33 17.80 11.61 -0.67
C ILE A 33 17.57 12.29 0.67
N GLY A 34 16.55 11.85 1.39
CA GLY A 34 16.25 12.42 2.68
C GLY A 34 17.44 12.43 3.62
N LYS A 35 18.30 11.42 3.47
CA LYS A 35 19.49 11.31 4.31
C LYS A 35 20.35 12.57 4.21
N THR A 36 20.47 13.10 2.99
CA THR A 36 21.27 14.29 2.76
C THR A 36 20.45 15.55 3.04
N VAL A 37 19.28 15.64 2.41
CA VAL A 37 18.41 16.80 2.60
C VAL A 37 18.17 17.08 4.08
N LYS A 38 17.73 16.05 4.80
CA LYS A 38 17.47 16.18 6.23
C LYS A 38 18.74 16.48 7.00
N SER A 39 19.86 15.94 6.53
CA SER A 39 21.15 16.16 7.17
C SER A 39 21.55 17.64 7.12
N PHE A 40 21.07 18.32 6.08
CA PHE A 40 21.37 19.74 5.91
C PHE A 40 20.77 20.57 7.04
N GLN A 41 19.62 20.13 7.54
CA GLN A 41 18.93 20.82 8.62
C GLN A 41 19.83 20.93 9.86
N GLN A 42 20.63 19.90 10.08
CA GLN A 42 21.54 19.87 11.22
C GLN A 42 22.81 20.66 10.93
N ALA A 43 23.17 20.74 9.66
CA ALA A 43 24.37 21.47 9.24
C ALA A 43 24.14 22.98 9.29
N ALA A 44 22.88 23.38 9.17
CA ALA A 44 22.53 24.79 9.19
C ALA A 44 23.11 25.49 10.41
N LYS A 45 23.26 24.73 11.50
CA LYS A 45 23.80 25.27 12.74
C LYS A 45 25.16 25.93 12.49
N GLU A 46 25.87 25.45 11.47
CA GLU A 46 27.18 25.99 11.13
C GLU A 46 27.05 27.12 10.11
N PHE A 47 25.99 27.07 9.31
CA PHE A 47 25.75 28.08 8.29
C PHE A 47 25.80 29.48 8.88
N GLU A 48 25.45 29.59 10.16
CA GLU A 48 25.46 30.87 10.84
C GLU A 48 26.84 31.53 10.76
N SER A 49 27.87 30.70 10.61
CA SER A 49 29.24 31.19 10.52
C SER A 49 29.54 31.72 9.12
N GLU A 50 28.82 31.18 8.13
CA GLU A 50 29.01 31.59 6.75
C GLU A 50 30.43 31.28 6.27
N LEU A 51 30.62 30.11 5.70
CA LEU A 51 31.92 29.69 5.20
C LEU A 51 31.83 28.35 4.47
N LYS A 52 30.98 27.47 4.98
CA LYS A 52 30.79 26.15 4.37
C LYS A 52 32.13 25.45 4.19
N THR A 53 32.61 24.79 5.24
CA THR A 53 33.88 24.07 5.20
C THR A 53 34.91 24.84 4.37
N ALA A 1 -31.38 -2.20 -9.63
CA ALA A 1 -31.29 -3.63 -9.35
C ALA A 1 -30.27 -3.91 -8.25
N LEU A 2 -30.21 -5.17 -7.81
CA LEU A 2 -29.28 -5.56 -6.76
C LEU A 2 -28.39 -6.71 -7.23
N PHE A 3 -27.08 -6.47 -7.23
CA PHE A 3 -26.12 -7.47 -7.66
C PHE A 3 -25.63 -8.30 -6.48
N GLY A 4 -25.67 -7.70 -5.29
CA GLY A 4 -25.23 -8.40 -4.09
C GLY A 4 -23.98 -7.79 -3.51
N LEU A 5 -23.71 -6.54 -3.85
CA LEU A 5 -22.52 -5.84 -3.34
C LEU A 5 -22.85 -4.40 -2.97
N GLY A 6 -21.89 -3.73 -2.35
CA GLY A 6 -22.10 -2.35 -1.95
C GLY A 6 -21.37 -1.99 -0.67
N VAL A 7 -21.86 -2.50 0.45
CA VAL A 7 -21.25 -2.25 1.75
C VAL A 7 -19.90 -2.95 1.87
N PRO A 8 -19.85 -4.21 1.41
CA PRO A 8 -18.63 -5.02 1.45
C PRO A 8 -17.56 -4.51 0.49
N GLU A 9 -18.00 -3.97 -0.64
CA GLU A 9 -17.08 -3.45 -1.64
C GLU A 9 -16.38 -2.20 -1.13
N LEU A 10 -17.02 -1.49 -0.22
CA LEU A 10 -16.46 -0.26 0.35
C LEU A 10 -15.45 -0.59 1.45
N ALA A 11 -15.61 -1.75 2.07
CA ALA A 11 -14.72 -2.18 3.14
C ALA A 11 -13.49 -2.89 2.57
N VAL A 12 -13.64 -3.46 1.38
CA VAL A 12 -12.54 -4.17 0.73
C VAL A 12 -11.73 -3.23 -0.15
N ILE A 13 -12.38 -2.19 -0.66
CA ILE A 13 -11.71 -1.21 -1.51
C ILE A 13 -10.49 -0.62 -0.82
N ALA A 14 -10.52 -0.63 0.51
CA ALA A 14 -9.40 -0.10 1.29
C ALA A 14 -8.08 -0.69 0.85
N GLY A 15 -8.01 -2.02 0.81
CA GLY A 15 -6.80 -2.70 0.39
C GLY A 15 -6.42 -2.39 -1.04
N VAL A 16 -7.40 -1.98 -1.84
CA VAL A 16 -7.17 -1.64 -3.23
C VAL A 16 -6.57 -0.25 -3.38
N ALA A 17 -7.28 0.75 -2.90
CA ALA A 17 -6.83 2.13 -2.96
C ALA A 17 -5.54 2.33 -2.16
N ALA A 18 -5.38 1.51 -1.12
CA ALA A 18 -4.19 1.59 -0.27
C ALA A 18 -2.92 1.39 -1.08
N LEU A 19 -3.05 0.70 -2.20
CA LEU A 19 -1.90 0.45 -3.08
C LEU A 19 -1.55 1.68 -3.89
N LEU A 20 -2.57 2.37 -4.41
CA LEU A 20 -2.37 3.57 -5.20
C LEU A 20 -1.76 4.68 -4.36
N PHE A 21 -2.46 5.08 -3.30
CA PHE A 21 -1.99 6.13 -2.42
C PHE A 21 -0.78 5.66 -1.61
N GLY A 22 -0.81 4.39 -1.21
CA GLY A 22 0.28 3.84 -0.43
C GLY A 22 1.06 2.78 -1.19
N PRO A 23 1.90 3.22 -2.14
CA PRO A 23 2.72 2.33 -2.95
C PRO A 23 3.83 1.66 -2.15
N LYS A 24 4.11 2.21 -0.97
CA LYS A 24 5.15 1.66 -0.10
C LYS A 24 4.62 1.47 1.31
N LYS A 25 3.31 1.29 1.44
CA LYS A 25 2.68 1.09 2.74
C LYS A 25 2.54 -0.40 3.05
N LEU A 26 2.44 -1.21 2.01
CA LEU A 26 2.31 -2.65 2.18
C LEU A 26 3.62 -3.28 2.67
N PRO A 27 4.68 -3.11 1.88
CA PRO A 27 6.01 -3.65 2.22
C PRO A 27 6.64 -2.92 3.40
N GLU A 28 5.99 -1.85 3.85
CA GLU A 28 6.49 -1.06 4.96
C GLU A 28 6.81 -1.94 6.17
N ILE A 29 6.06 -3.04 6.29
CA ILE A 29 6.27 -3.98 7.39
C ILE A 29 7.57 -4.76 7.22
N GLY A 30 7.91 -5.07 5.97
CA GLY A 30 9.12 -5.80 5.69
C GLY A 30 10.37 -5.01 6.03
N LYS A 31 10.25 -3.69 6.02
CA LYS A 31 11.37 -2.81 6.32
C LYS A 31 11.45 -2.52 7.82
N SER A 32 10.30 -2.59 8.49
CA SER A 32 10.23 -2.32 9.92
C SER A 32 11.14 -3.28 10.69
N ILE A 33 11.33 -4.47 10.14
CA ILE A 33 12.17 -5.48 10.76
C ILE A 33 13.59 -4.94 11.02
N GLY A 34 13.99 -3.97 10.19
CA GLY A 34 15.31 -3.39 10.33
C GLY A 34 15.58 -2.92 11.75
N LYS A 35 14.67 -2.13 12.29
CA LYS A 35 14.82 -1.61 13.64
C LYS A 35 14.99 -2.74 14.65
N THR A 36 14.53 -3.92 14.28
CA THR A 36 14.65 -5.10 15.15
C THR A 36 15.96 -5.84 14.91
N VAL A 37 16.12 -6.37 13.70
CA VAL A 37 17.33 -7.10 13.35
C VAL A 37 18.58 -6.27 13.62
N LYS A 38 18.50 -4.98 13.33
CA LYS A 38 19.62 -4.07 13.56
C LYS A 38 19.84 -3.84 15.06
N SER A 39 18.74 -3.79 15.80
CA SER A 39 18.82 -3.57 17.25
C SER A 39 19.39 -4.80 17.96
N PHE A 40 19.09 -5.98 17.42
CA PHE A 40 19.57 -7.22 18.00
C PHE A 40 21.04 -7.47 17.64
N GLN A 41 21.46 -6.91 16.51
CA GLN A 41 22.84 -7.06 16.04
C GLN A 41 23.82 -6.60 17.12
N GLN A 42 23.45 -5.56 17.85
CA GLN A 42 24.30 -5.02 18.90
C GLN A 42 24.67 -6.10 19.91
N ALA A 43 23.75 -7.03 20.14
CA ALA A 43 23.98 -8.12 21.08
C ALA A 43 24.48 -9.37 20.37
N ALA A 44 24.16 -9.48 19.08
CA ALA A 44 24.57 -10.62 18.28
C ALA A 44 26.09 -10.77 18.29
N LYS A 45 26.79 -9.67 18.53
CA LYS A 45 28.25 -9.68 18.57
C LYS A 45 28.76 -10.75 19.53
N GLU A 46 27.98 -11.02 20.56
CA GLU A 46 28.35 -12.03 21.56
C GLU A 46 27.94 -13.43 21.09
N PHE A 47 26.85 -13.50 20.33
CA PHE A 47 26.36 -14.77 19.82
C PHE A 47 27.27 -15.31 18.72
N GLU A 48 27.93 -14.41 18.02
CA GLU A 48 28.83 -14.80 16.95
C GLU A 48 29.90 -15.77 17.45
N SER A 49 30.20 -15.70 18.73
CA SER A 49 31.21 -16.57 19.33
C SER A 49 30.68 -17.99 19.46
N GLU A 50 29.36 -18.13 19.55
CA GLU A 50 28.73 -19.44 19.67
C GLU A 50 28.73 -20.17 18.33
N LEU A 51 28.57 -19.42 17.26
CA LEU A 51 28.55 -19.98 15.91
C LEU A 51 27.43 -21.01 15.77
N LYS A 52 26.33 -20.78 16.46
CA LYS A 52 25.18 -21.68 16.41
C LYS A 52 24.71 -21.89 14.98
N THR A 53 24.39 -20.80 14.30
CA THR A 53 23.93 -20.86 12.92
C THR A 53 25.03 -20.45 11.95
N ALA A 1 -26.28 11.25 6.23
CA ALA A 1 -24.83 11.19 6.19
C ALA A 1 -24.34 9.95 5.45
N LEU A 2 -25.17 8.91 5.45
CA LEU A 2 -24.83 7.66 4.78
C LEU A 2 -25.82 7.35 3.67
N PHE A 3 -25.31 6.93 2.51
CA PHE A 3 -26.16 6.60 1.38
C PHE A 3 -26.40 5.10 1.30
N GLY A 4 -26.74 4.50 2.44
CA GLY A 4 -26.99 3.07 2.48
C GLY A 4 -25.76 2.26 2.17
N LEU A 5 -24.59 2.87 2.32
CA LEU A 5 -23.32 2.19 2.05
C LEU A 5 -23.05 1.12 3.11
N GLY A 6 -21.91 0.45 2.98
CA GLY A 6 -21.54 -0.58 3.93
C GLY A 6 -20.12 -0.45 4.41
N VAL A 7 -19.88 -0.82 5.67
CA VAL A 7 -18.53 -0.74 6.25
C VAL A 7 -17.68 -1.93 5.82
N PRO A 8 -18.35 -3.06 5.55
CA PRO A 8 -17.66 -4.29 5.13
C PRO A 8 -17.09 -4.19 3.73
N GLU A 9 -17.89 -3.67 2.80
CA GLU A 9 -17.46 -3.52 1.42
C GLU A 9 -16.34 -2.50 1.31
N LEU A 10 -16.40 -1.46 2.15
CA LEU A 10 -15.38 -0.42 2.15
C LEU A 10 -13.99 -1.01 2.37
N ALA A 11 -13.92 -2.04 3.20
CA ALA A 11 -12.65 -2.69 3.50
C ALA A 11 -11.96 -3.15 2.22
N VAL A 12 -12.76 -3.54 1.23
CA VAL A 12 -12.21 -3.99 -0.05
C VAL A 12 -11.64 -2.83 -0.85
N ILE A 13 -12.51 -1.93 -1.29
CA ILE A 13 -12.09 -0.77 -2.06
C ILE A 13 -10.97 -0.01 -1.35
N ALA A 14 -11.01 -0.04 -0.03
CA ALA A 14 -10.00 0.65 0.78
C ALA A 14 -8.71 -0.17 0.85
N GLY A 15 -8.85 -1.50 0.87
CA GLY A 15 -7.69 -2.36 0.93
C GLY A 15 -6.97 -2.48 -0.39
N VAL A 16 -7.73 -2.34 -1.48
CA VAL A 16 -7.15 -2.44 -2.82
C VAL A 16 -6.46 -1.14 -3.21
N ALA A 17 -6.91 -0.03 -2.64
CA ALA A 17 -6.32 1.27 -2.94
C ALA A 17 -5.19 1.58 -1.96
N ALA A 18 -5.31 1.08 -0.74
CA ALA A 18 -4.29 1.31 0.28
C ALA A 18 -2.92 0.85 -0.20
N LEU A 19 -2.91 -0.10 -1.12
CA LEU A 19 -1.66 -0.64 -1.67
C LEU A 19 -0.95 0.41 -2.52
N LEU A 20 -1.63 0.85 -3.58
CA LEU A 20 -1.06 1.85 -4.48
C LEU A 20 -0.61 3.08 -3.71
N PHE A 21 -1.54 3.70 -3.00
CA PHE A 21 -1.24 4.90 -2.21
C PHE A 21 -0.17 4.60 -1.17
N GLY A 22 -0.35 3.53 -0.41
CA GLY A 22 0.61 3.16 0.60
C GLY A 22 0.66 4.16 1.74
N PRO A 23 -0.42 4.25 2.52
CA PRO A 23 -0.52 5.17 3.65
C PRO A 23 0.40 4.77 4.80
N LYS A 24 1.54 5.43 4.91
CA LYS A 24 2.50 5.14 5.96
C LYS A 24 3.02 3.71 5.85
N LYS A 25 4.04 3.52 5.02
CA LYS A 25 4.63 2.20 4.82
C LYS A 25 6.06 2.33 4.27
N LEU A 26 6.73 3.42 4.63
CA LEU A 26 8.09 3.65 4.16
C LEU A 26 8.16 3.65 2.64
N PRO A 27 7.64 4.74 2.03
CA PRO A 27 7.64 4.89 0.58
C PRO A 27 9.04 5.11 0.00
N GLU A 28 9.98 5.47 0.88
CA GLU A 28 11.35 5.71 0.46
C GLU A 28 11.89 4.52 -0.34
N ILE A 29 11.40 3.33 -0.03
CA ILE A 29 11.84 2.12 -0.73
C ILE A 29 11.62 2.25 -2.22
N GLY A 30 10.62 3.04 -2.61
CA GLY A 30 10.33 3.23 -4.02
C GLY A 30 11.23 4.27 -4.67
N LYS A 31 11.62 5.27 -3.89
CA LYS A 31 12.50 6.32 -4.39
C LYS A 31 13.93 5.82 -4.55
N SER A 32 14.33 4.89 -3.69
CA SER A 32 15.67 4.33 -3.73
C SER A 32 15.95 3.69 -5.08
N ILE A 33 15.07 2.81 -5.52
CA ILE A 33 15.22 2.14 -6.80
C ILE A 33 15.10 3.13 -7.96
N GLY A 34 14.60 4.32 -7.67
CA GLY A 34 14.44 5.33 -8.69
C GLY A 34 15.68 6.21 -8.82
N LYS A 35 16.32 6.50 -7.70
CA LYS A 35 17.51 7.34 -7.70
C LYS A 35 18.71 6.57 -8.26
N THR A 36 18.64 5.25 -8.21
CA THR A 36 19.72 4.41 -8.71
C THR A 36 19.54 4.12 -10.20
N VAL A 37 18.29 4.10 -10.65
CA VAL A 37 17.99 3.84 -12.05
C VAL A 37 17.95 5.13 -12.86
N LYS A 38 17.48 6.20 -12.22
CA LYS A 38 17.39 7.49 -12.88
C LYS A 38 18.72 8.23 -12.81
N SER A 39 19.58 7.80 -11.90
CA SER A 39 20.89 8.42 -11.73
C SER A 39 21.63 8.50 -13.06
N PHE A 40 21.51 7.46 -13.87
CA PHE A 40 22.17 7.41 -15.17
C PHE A 40 21.57 8.45 -16.12
N GLN A 41 20.25 8.64 -16.02
CA GLN A 41 19.56 9.60 -16.87
C GLN A 41 19.90 11.03 -16.47
N GLN A 42 19.97 11.27 -15.16
CA GLN A 42 20.29 12.60 -14.64
C GLN A 42 21.75 12.94 -14.90
N ALA A 43 22.63 11.96 -14.75
CA ALA A 43 24.05 12.15 -14.97
C ALA A 43 24.32 12.77 -16.34
N ALA A 44 23.63 12.26 -17.36
CA ALA A 44 23.79 12.77 -18.71
C ALA A 44 23.56 14.26 -18.78
N LYS A 45 22.73 14.77 -17.87
CA LYS A 45 22.43 16.19 -17.82
C LYS A 45 23.48 16.95 -17.02
N GLU A 46 23.91 16.37 -15.91
CA GLU A 46 24.93 17.00 -15.07
C GLU A 46 26.27 17.07 -15.80
N PHE A 47 26.57 16.04 -16.58
CA PHE A 47 27.82 15.99 -17.32
C PHE A 47 27.91 17.14 -18.32
N GLU A 48 26.75 17.60 -18.78
CA GLU A 48 26.70 18.71 -19.74
C GLU A 48 27.02 20.04 -19.06
N SER A 49 26.68 20.14 -17.78
CA SER A 49 26.93 21.35 -17.02
C SER A 49 28.39 21.44 -16.58
N GLU A 50 28.97 20.28 -16.30
CA GLU A 50 30.37 20.22 -15.87
C GLU A 50 31.31 20.36 -17.06
N LEU A 51 30.90 19.80 -18.20
CA LEU A 51 31.71 19.86 -19.41
C LEU A 51 33.06 19.19 -19.20
N LYS A 52 33.10 18.21 -18.30
CA LYS A 52 34.33 17.48 -18.02
C LYS A 52 34.53 16.34 -19.02
N THR A 53 35.68 15.68 -18.92
CA THR A 53 35.99 14.57 -19.82
C THR A 53 36.32 13.31 -19.03
#